data_4G3X
#
_entry.id   4G3X
#
_cell.length_a   91.400
_cell.length_b   91.400
_cell.length_c   93.110
_cell.angle_alpha   90.00
_cell.angle_beta   90.00
_cell.angle_gamma   120.00
#
_symmetry.space_group_name_H-M   'P 3 2 1'
#
loop_
_entity.id
_entity.type
_entity.pdbx_description
1 polymer 'GTPase HRas'
2 polymer 'RAF proto-oncogene serine/threonine-protein kinase'
3 non-polymer 'PHOSPHOAMINOPHOSPHONIC ACID-GUANYLATE ESTER'
4 non-polymer 'MAGNESIUM ION'
5 water water
#
loop_
_entity_poly.entity_id
_entity_poly.type
_entity_poly.pdbx_seq_one_letter_code
_entity_poly.pdbx_strand_id
1 'polypeptide(L)'
;MTEYKLVVVGAGGVGKSALTIQLIQNHFVDEYDPTIEDSYRKQVVIDGETCLLDILDTAGLEEYSAMRDQYMRTGEGFLC
VFAINNTKSFEDIHQYREQIKRVKDSDDVPMVLVGNKCDLAARTVESRQAQDLARSYGIPYIETSAKTRQGVEDAFYTLV
REIRQH
;
A
2 'polypeptide(L)' SNTIRVFLPNKQRTVVNVRNGMSLHDCLMKALKVRGLQPECCAVFRLLHEHKGKKARLDWNTDAASLIGEELQVDFL B
#
loop_
_chem_comp.id
_chem_comp.type
_chem_comp.name
_chem_comp.formula
GNP non-polymer 'PHOSPHOAMINOPHOSPHONIC ACID-GUANYLATE ESTER' 'C10 H17 N6 O13 P3'
MG non-polymer 'MAGNESIUM ION' 'Mg 2'
#
# COMPACT_ATOMS: atom_id res chain seq x y z
N MET A 1 -6.38 -14.13 -17.30
CA MET A 1 -5.58 -12.94 -17.59
C MET A 1 -4.43 -12.81 -16.61
N THR A 2 -3.60 -11.78 -16.80
CA THR A 2 -2.45 -11.56 -15.94
C THR A 2 -2.77 -10.65 -14.76
N GLU A 3 -2.26 -11.01 -13.59
CA GLU A 3 -2.45 -10.22 -12.38
C GLU A 3 -1.14 -9.56 -11.95
N TYR A 4 -1.10 -8.24 -12.03
CA TYR A 4 0.12 -7.49 -11.71
C TYR A 4 0.21 -7.17 -10.23
N LYS A 5 1.35 -7.49 -9.63
CA LYS A 5 1.57 -7.27 -8.21
C LYS A 5 2.43 -6.03 -7.99
N LEU A 6 1.81 -4.98 -7.45
CA LEU A 6 2.50 -3.71 -7.24
C LEU A 6 2.82 -3.49 -5.76
N VAL A 7 4.08 -3.69 -5.39
CA VAL A 7 4.51 -3.45 -4.02
C VAL A 7 5.00 -2.02 -3.87
N VAL A 8 4.41 -1.29 -2.94
CA VAL A 8 4.78 0.11 -2.71
C VAL A 8 5.75 0.25 -1.55
N VAL A 9 6.99 0.60 -1.86
CA VAL A 9 8.01 0.84 -0.84
C VAL A 9 8.30 2.34 -0.70
N GLY A 10 8.39 2.81 0.53
CA GLY A 10 8.65 4.21 0.80
C GLY A 10 8.79 4.49 2.29
N ALA A 11 9.27 5.68 2.62
CA ALA A 11 9.50 6.06 4.01
C ALA A 11 8.23 6.53 4.71
N GLY A 12 8.39 7.27 5.80
CA GLY A 12 7.26 7.77 6.55
C GLY A 12 7.05 9.26 6.37
N GLY A 13 5.79 9.68 6.40
CA GLY A 13 5.46 11.09 6.24
C GLY A 13 5.18 11.47 4.80
N VAL A 14 5.58 10.60 3.87
CA VAL A 14 5.39 10.85 2.44
C VAL A 14 3.92 10.69 2.02
N GLY A 15 3.72 10.18 0.81
CA GLY A 15 2.37 10.06 0.27
C GLY A 15 2.03 8.70 -0.31
N LYS A 16 2.46 7.64 0.36
CA LYS A 16 2.11 6.28 -0.06
C LYS A 16 0.63 6.03 0.17
N SER A 17 0.16 6.35 1.38
CA SER A 17 -1.24 6.15 1.73
C SER A 17 -2.08 7.32 1.28
N ALA A 18 -1.90 7.69 0.02
CA ALA A 18 -2.68 8.75 -0.61
C ALA A 18 -2.67 8.52 -2.12
N LEU A 19 -1.58 7.92 -2.60
CA LEU A 19 -1.47 7.56 -4.01
C LEU A 19 -2.27 6.30 -4.29
N THR A 20 -2.03 5.26 -3.49
CA THR A 20 -2.70 3.98 -3.64
C THR A 20 -4.21 4.13 -3.41
N ILE A 21 -4.57 5.13 -2.63
CA ILE A 21 -5.97 5.38 -2.31
C ILE A 21 -6.67 6.16 -3.43
N GLN A 22 -6.01 7.19 -3.94
CA GLN A 22 -6.61 8.06 -4.95
C GLN A 22 -6.63 7.42 -6.35
N LEU A 23 -6.30 6.15 -6.43
CA LEU A 23 -6.42 5.40 -7.68
C LEU A 23 -7.65 4.50 -7.63
N ILE A 24 -7.88 3.91 -6.47
CA ILE A 24 -9.00 2.99 -6.29
C ILE A 24 -10.29 3.76 -6.00
N GLN A 25 -10.24 4.66 -5.02
CA GLN A 25 -11.42 5.40 -4.60
C GLN A 25 -11.38 6.86 -5.04
N ASN A 26 -10.28 7.26 -5.67
CA ASN A 26 -10.09 8.63 -6.16
C ASN A 26 -10.25 9.68 -5.06
N HIS A 27 -9.68 9.40 -3.89
CA HIS A 27 -9.77 10.31 -2.75
C HIS A 27 -8.40 10.66 -2.17
N PHE A 28 -8.22 11.93 -1.81
CA PHE A 28 -7.00 12.37 -1.15
C PHE A 28 -7.16 12.27 0.37
N VAL A 29 -6.11 11.79 1.03
CA VAL A 29 -6.17 11.58 2.47
C VAL A 29 -5.14 12.42 3.24
N ASP A 30 -5.63 13.27 4.14
CA ASP A 30 -4.75 14.02 5.03
C ASP A 30 -4.27 13.09 6.13
N GLU A 31 -4.79 13.31 7.34
CA GLU A 31 -4.61 12.47 8.53
C GLU A 31 -3.55 11.36 8.46
N TYR A 32 -2.41 11.61 9.10
CA TYR A 32 -1.32 10.64 9.12
C TYR A 32 -1.73 9.39 9.90
N ASP A 33 -2.09 8.34 9.19
CA ASP A 33 -2.42 7.08 9.82
C ASP A 33 -1.31 6.06 9.57
N PRO A 34 -0.53 5.76 10.63
CA PRO A 34 0.57 4.79 10.56
C PRO A 34 0.12 3.44 10.02
N THR A 35 0.37 3.19 8.75
CA THR A 35 0.02 1.92 8.13
C THR A 35 1.01 0.83 8.52
N ILE A 36 0.58 -0.42 8.39
CA ILE A 36 1.43 -1.56 8.73
C ILE A 36 1.48 -2.60 7.61
N GLU A 37 0.32 -3.05 7.17
CA GLU A 37 0.24 -4.01 6.07
C GLU A 37 -1.17 -4.02 5.46
N ASP A 38 -1.37 -3.20 4.43
CA ASP A 38 -2.65 -3.11 3.76
C ASP A 38 -2.53 -3.47 2.28
N SER A 39 -3.46 -4.30 1.79
CA SER A 39 -3.47 -4.72 0.39
C SER A 39 -4.69 -4.17 -0.33
N TYR A 40 -4.51 -3.84 -1.61
CA TYR A 40 -5.61 -3.29 -2.41
C TYR A 40 -5.77 -4.04 -3.73
N ARG A 41 -6.91 -3.84 -4.39
CA ARG A 41 -7.19 -4.50 -5.66
C ARG A 41 -8.24 -3.73 -6.46
N LYS A 42 -7.97 -3.56 -7.76
CA LYS A 42 -8.91 -2.85 -8.64
C LYS A 42 -8.90 -3.42 -10.05
N GLN A 43 -10.07 -3.55 -10.64
CA GLN A 43 -10.21 -4.00 -12.03
C GLN A 43 -10.04 -2.82 -12.98
N VAL A 44 -8.85 -2.71 -13.56
CA VAL A 44 -8.52 -1.57 -14.43
C VAL A 44 -8.34 -2.01 -15.88
N VAL A 45 -8.38 -1.05 -16.79
CA VAL A 45 -8.17 -1.31 -18.22
C VAL A 45 -6.93 -0.58 -18.73
N ILE A 46 -5.77 -1.21 -18.56
CA ILE A 46 -4.50 -0.60 -18.96
C ILE A 46 -4.09 -1.05 -20.37
N ASP A 47 -4.01 -0.09 -21.28
CA ASP A 47 -3.64 -0.34 -22.68
C ASP A 47 -4.59 -1.28 -23.43
N GLY A 48 -5.85 -0.87 -23.52
CA GLY A 48 -6.87 -1.67 -24.18
C GLY A 48 -6.97 -3.07 -23.65
N GLU A 49 -6.74 -3.24 -22.35
CA GLU A 49 -6.80 -4.55 -21.73
C GLU A 49 -7.28 -4.48 -20.28
N THR A 50 -8.45 -5.06 -20.03
CA THR A 50 -9.01 -5.11 -18.67
C THR A 50 -8.10 -5.95 -17.77
N CYS A 51 -7.33 -5.28 -16.92
CA CYS A 51 -6.35 -5.95 -16.07
C CYS A 51 -6.76 -5.95 -14.60
N LEU A 52 -5.77 -6.05 -13.72
CA LEU A 52 -6.00 -6.11 -12.29
C LEU A 52 -4.77 -5.65 -11.51
N LEU A 53 -4.96 -4.75 -10.56
CA LEU A 53 -3.84 -4.19 -9.79
C LEU A 53 -3.90 -4.56 -8.31
N ASP A 54 -3.27 -5.68 -7.95
CA ASP A 54 -3.19 -6.08 -6.55
C ASP A 54 -2.07 -5.32 -5.85
N ILE A 55 -2.38 -4.12 -5.39
CA ILE A 55 -1.39 -3.27 -4.73
C ILE A 55 -1.20 -3.65 -3.27
N LEU A 56 0.02 -3.47 -2.77
CA LEU A 56 0.33 -3.75 -1.37
C LEU A 56 1.29 -2.70 -0.83
N ASP A 57 0.77 -1.69 -0.13
CA ASP A 57 1.62 -0.65 0.42
C ASP A 57 2.25 -1.11 1.72
N THR A 58 3.49 -0.67 1.96
CA THR A 58 4.25 -1.13 3.12
C THR A 58 4.46 -0.03 4.14
N ALA A 59 5.05 -0.38 5.27
CA ALA A 59 5.31 0.59 6.33
C ALA A 59 6.69 1.22 6.18
N GLY A 60 6.76 2.53 6.33
CA GLY A 60 8.02 3.26 6.23
C GLY A 60 8.76 3.31 7.55
N LEU A 61 8.06 2.94 8.62
CA LEU A 61 8.66 2.91 9.94
C LEU A 61 9.38 1.57 10.14
N GLU A 62 10.66 1.63 10.50
CA GLU A 62 11.48 0.42 10.63
C GLU A 62 11.23 -0.34 11.92
N GLU A 63 9.95 -0.54 12.24
CA GLU A 63 9.57 -1.37 13.39
C GLU A 63 8.92 -2.64 12.89
N TYR A 64 8.91 -2.81 11.57
CA TYR A 64 8.31 -3.97 10.94
C TYR A 64 9.23 -4.50 9.84
N SER A 65 10.53 -4.42 10.08
CA SER A 65 11.53 -4.85 9.11
C SER A 65 11.87 -6.34 9.26
N ALA A 66 10.84 -7.17 9.28
CA ALA A 66 11.03 -8.61 9.42
C ALA A 66 10.31 -9.36 8.31
N MET A 67 9.07 -8.97 8.03
CA MET A 67 8.28 -9.59 6.97
C MET A 67 8.52 -8.91 5.62
N ARG A 68 9.51 -8.03 5.57
CA ARG A 68 9.93 -7.41 4.33
C ARG A 68 10.36 -8.48 3.34
N ASP A 69 11.19 -9.40 3.81
CA ASP A 69 11.70 -10.48 2.98
C ASP A 69 10.69 -11.62 2.88
N GLN A 70 9.44 -11.29 2.57
CA GLN A 70 8.38 -12.27 2.42
C GLN A 70 7.54 -11.98 1.17
N TYR A 71 7.15 -10.73 1.02
CA TYR A 71 6.35 -10.33 -0.14
C TYR A 71 7.17 -9.61 -1.20
N MET A 72 8.45 -9.38 -0.91
CA MET A 72 9.33 -8.72 -1.86
C MET A 72 9.98 -9.71 -2.81
N ARG A 73 9.64 -10.98 -2.64
CA ARG A 73 9.95 -12.01 -3.62
C ARG A 73 8.65 -12.49 -4.23
N THR A 74 7.56 -11.84 -3.84
CA THR A 74 6.22 -12.17 -4.33
C THR A 74 5.79 -11.13 -5.37
N GLY A 75 5.95 -9.86 -5.02
CA GLY A 75 5.56 -8.78 -5.91
C GLY A 75 6.35 -8.75 -7.20
N GLU A 76 5.64 -8.66 -8.32
CA GLU A 76 6.26 -8.63 -9.64
C GLU A 76 7.02 -7.33 -9.88
N GLY A 77 6.44 -6.22 -9.42
CA GLY A 77 7.05 -4.92 -9.60
C GLY A 77 7.05 -4.07 -8.35
N PHE A 78 8.08 -3.24 -8.19
CA PHE A 78 8.19 -2.37 -7.01
C PHE A 78 7.92 -0.91 -7.35
N LEU A 79 7.75 -0.11 -6.31
CA LEU A 79 7.43 1.31 -6.48
C LEU A 79 8.03 2.14 -5.36
N CYS A 80 9.18 2.74 -5.61
CA CYS A 80 9.83 3.58 -4.62
C CYS A 80 9.19 4.96 -4.55
N VAL A 81 8.43 5.21 -3.49
CA VAL A 81 7.72 6.47 -3.33
C VAL A 81 8.36 7.37 -2.27
N PHE A 82 8.71 8.59 -2.67
CA PHE A 82 9.23 9.59 -1.74
C PHE A 82 8.59 10.93 -2.02
N ALA A 83 9.00 11.96 -1.29
CA ALA A 83 8.55 13.32 -1.55
C ALA A 83 9.74 14.26 -1.67
N ILE A 84 9.67 15.21 -2.62
CA ILE A 84 10.78 16.12 -2.86
C ILE A 84 10.91 17.18 -1.77
N ASN A 85 9.98 17.17 -0.81
CA ASN A 85 10.06 18.06 0.34
C ASN A 85 10.78 17.40 1.50
N ASN A 86 11.01 16.09 1.38
CA ASN A 86 11.73 15.34 2.40
C ASN A 86 13.04 14.79 1.83
N THR A 87 14.15 15.22 2.40
CA THR A 87 15.47 14.81 1.93
C THR A 87 15.84 13.41 2.41
N LYS A 88 15.55 13.12 3.67
CA LYS A 88 15.89 11.84 4.27
C LYS A 88 15.25 10.68 3.53
N SER A 89 14.06 10.92 2.96
CA SER A 89 13.38 9.91 2.16
C SER A 89 14.10 9.66 0.84
N PHE A 90 14.80 10.69 0.35
CA PHE A 90 15.56 10.58 -0.89
C PHE A 90 16.87 9.83 -0.66
N GLU A 91 17.42 9.97 0.54
CA GLU A 91 18.69 9.33 0.88
C GLU A 91 18.50 7.85 1.22
N ASP A 92 17.25 7.45 1.45
CA ASP A 92 16.96 6.06 1.84
C ASP A 92 16.54 5.20 0.65
N ILE A 93 16.59 5.79 -0.55
CA ILE A 93 16.31 5.05 -1.78
C ILE A 93 17.40 4.01 -2.04
N HIS A 94 18.66 4.39 -1.79
CA HIS A 94 19.80 3.50 -1.98
C HIS A 94 19.74 2.29 -1.06
N GLN A 95 19.21 2.49 0.14
CA GLN A 95 19.05 1.40 1.09
C GLN A 95 17.75 0.63 0.86
N TYR A 96 17.00 1.03 -0.15
CA TYR A 96 15.82 0.27 -0.57
C TYR A 96 16.19 -0.66 -1.71
N ARG A 97 16.76 -0.11 -2.77
CA ARG A 97 17.15 -0.87 -3.95
C ARG A 97 18.09 -2.02 -3.59
N GLU A 98 19.08 -1.72 -2.75
CA GLU A 98 20.05 -2.72 -2.32
C GLU A 98 19.40 -3.80 -1.46
N GLN A 99 18.28 -3.44 -0.83
CA GLN A 99 17.56 -4.38 0.03
C GLN A 99 16.46 -5.09 -0.77
N ILE A 100 16.07 -4.50 -1.89
CA ILE A 100 15.15 -5.15 -2.82
C ILE A 100 15.93 -6.14 -3.70
N LYS A 101 17.09 -5.69 -4.18
CA LYS A 101 17.99 -6.54 -4.95
C LYS A 101 18.46 -7.72 -4.11
N ARG A 102 18.58 -7.51 -2.80
CA ARG A 102 19.00 -8.54 -1.87
C ARG A 102 18.05 -9.73 -1.88
N VAL A 103 16.76 -9.46 -2.08
CA VAL A 103 15.72 -10.48 -2.02
C VAL A 103 15.63 -11.30 -3.29
N LYS A 104 15.30 -10.64 -4.40
CA LYS A 104 15.12 -11.34 -5.67
C LYS A 104 16.36 -11.28 -6.57
N ASP A 105 17.53 -11.14 -5.94
CA ASP A 105 18.83 -11.27 -6.60
C ASP A 105 19.07 -10.33 -7.80
N SER A 106 18.22 -10.43 -8.81
CA SER A 106 18.44 -9.74 -10.08
C SER A 106 18.59 -8.23 -9.96
N ASP A 107 19.20 -7.64 -10.99
CA ASP A 107 19.39 -6.19 -11.06
C ASP A 107 18.37 -5.60 -12.01
N ASP A 108 17.72 -6.48 -12.77
CA ASP A 108 16.67 -6.08 -13.72
C ASP A 108 15.28 -6.21 -13.09
N VAL A 109 15.06 -5.48 -12.02
CA VAL A 109 13.76 -5.49 -11.35
C VAL A 109 12.88 -4.36 -11.88
N PRO A 110 11.70 -4.71 -12.40
CA PRO A 110 10.73 -3.73 -12.92
C PRO A 110 10.32 -2.73 -11.85
N MET A 111 10.89 -1.53 -11.90
CA MET A 111 10.60 -0.49 -10.92
C MET A 111 10.36 0.85 -11.60
N VAL A 112 9.90 1.83 -10.81
CA VAL A 112 9.75 3.20 -11.29
C VAL A 112 9.74 4.14 -10.09
N LEU A 113 10.28 5.35 -10.26
CA LEU A 113 10.44 6.28 -9.15
C LEU A 113 9.34 7.34 -9.10
N VAL A 114 8.86 7.63 -7.90
CA VAL A 114 7.79 8.61 -7.72
C VAL A 114 8.13 9.68 -6.70
N GLY A 115 8.20 10.93 -7.17
CA GLY A 115 8.47 12.06 -6.30
C GLY A 115 7.19 12.78 -5.93
N ASN A 116 6.50 12.26 -4.91
CA ASN A 116 5.20 12.79 -4.51
C ASN A 116 5.27 14.21 -3.92
N LYS A 117 4.10 14.81 -3.74
CA LYS A 117 3.96 16.15 -3.16
C LYS A 117 4.62 17.25 -3.98
N CYS A 118 4.40 17.24 -5.29
CA CYS A 118 4.98 18.25 -6.19
C CYS A 118 4.13 19.51 -6.22
N ASP A 119 3.09 19.54 -5.40
CA ASP A 119 2.20 20.69 -5.32
C ASP A 119 2.64 21.67 -4.23
N LEU A 120 3.62 21.26 -3.43
CA LEU A 120 4.18 22.13 -2.41
C LEU A 120 5.31 22.96 -2.99
N ALA A 121 6.01 23.70 -2.14
CA ALA A 121 7.12 24.54 -2.59
C ALA A 121 8.38 24.27 -1.76
N ALA A 122 8.35 23.18 -0.99
CA ALA A 122 9.47 22.83 -0.12
C ALA A 122 10.46 21.94 -0.83
N ARG A 123 10.55 22.08 -2.15
CA ARG A 123 11.46 21.28 -2.97
C ARG A 123 12.92 21.53 -2.59
N THR A 124 13.50 20.59 -1.85
CA THR A 124 14.93 20.62 -1.56
C THR A 124 15.61 19.64 -2.50
N VAL A 125 14.80 18.75 -3.09
CA VAL A 125 15.29 17.73 -4.01
C VAL A 125 14.77 17.99 -5.41
N GLU A 126 15.63 18.49 -6.30
CA GLU A 126 15.24 18.82 -7.67
C GLU A 126 14.91 17.60 -8.51
N SER A 127 14.57 17.83 -9.78
CA SER A 127 14.20 16.73 -10.68
C SER A 127 15.43 15.96 -11.12
N ARG A 128 16.36 16.66 -11.77
CA ARG A 128 17.58 16.05 -12.28
C ARG A 128 18.42 15.46 -11.15
N GLN A 129 18.29 16.07 -9.96
CA GLN A 129 18.93 15.55 -8.75
C GLN A 129 18.41 14.15 -8.46
N ALA A 130 17.19 13.88 -8.89
CA ALA A 130 16.57 12.57 -8.71
C ALA A 130 16.66 11.74 -9.98
N GLN A 131 16.74 12.41 -11.13
CA GLN A 131 16.88 11.74 -12.41
C GLN A 131 18.26 11.10 -12.55
N ASP A 132 19.27 11.79 -12.04
CA ASP A 132 20.64 11.29 -12.09
C ASP A 132 20.81 10.09 -11.17
N LEU A 133 19.95 9.99 -10.17
CA LEU A 133 19.93 8.85 -9.26
C LEU A 133 19.16 7.70 -9.89
N ALA A 134 18.02 8.02 -10.50
CA ALA A 134 17.17 7.02 -11.13
C ALA A 134 17.82 6.46 -12.39
N ARG A 135 18.73 7.24 -12.97
CA ARG A 135 19.48 6.81 -14.14
C ARG A 135 20.42 5.66 -13.78
N SER A 136 20.99 5.73 -12.59
CA SER A 136 21.91 4.71 -12.12
C SER A 136 21.24 3.36 -11.99
N TYR A 137 19.98 3.37 -11.53
CA TYR A 137 19.22 2.14 -11.39
C TYR A 137 18.56 1.73 -12.70
N GLY A 138 18.50 2.67 -13.65
CA GLY A 138 17.99 2.39 -14.97
C GLY A 138 16.47 2.48 -15.07
N ILE A 139 15.84 2.94 -14.00
CA ILE A 139 14.39 3.09 -13.98
C ILE A 139 13.99 4.55 -14.18
N PRO A 140 12.81 4.78 -14.78
CA PRO A 140 12.31 6.14 -15.00
C PRO A 140 12.05 6.91 -13.71
N TYR A 141 11.64 8.17 -13.86
CA TYR A 141 11.26 9.00 -12.72
C TYR A 141 10.00 9.79 -13.04
N ILE A 142 8.99 9.65 -12.19
CA ILE A 142 7.73 10.37 -12.37
C ILE A 142 7.45 11.26 -11.17
N GLU A 143 6.99 12.48 -11.43
CA GLU A 143 6.70 13.42 -10.34
C GLU A 143 5.20 13.54 -10.10
N THR A 144 4.78 13.28 -8.87
CA THR A 144 3.35 13.26 -8.54
C THR A 144 2.97 14.17 -7.38
N SER A 145 1.67 14.29 -7.15
CA SER A 145 1.13 15.02 -6.01
C SER A 145 -0.24 14.45 -5.68
N ALA A 146 -0.31 13.63 -4.65
CA ALA A 146 -1.54 12.91 -4.32
C ALA A 146 -2.64 13.80 -3.72
N LYS A 147 -2.44 15.11 -3.82
CA LYS A 147 -3.41 16.07 -3.31
C LYS A 147 -4.21 16.65 -4.46
N THR A 148 -3.61 16.67 -5.65
CA THR A 148 -4.25 17.27 -6.82
C THR A 148 -4.34 16.30 -8.00
N ARG A 149 -4.26 15.01 -7.71
CA ARG A 149 -4.34 13.95 -8.73
C ARG A 149 -3.32 14.08 -9.86
N GLN A 150 -2.18 14.69 -9.57
CA GLN A 150 -1.15 14.86 -10.59
C GLN A 150 -0.20 13.67 -10.63
N GLY A 151 -0.12 13.03 -11.80
CA GLY A 151 0.79 11.91 -11.99
C GLY A 151 0.38 10.63 -11.26
N VAL A 152 -0.83 10.63 -10.69
CA VAL A 152 -1.31 9.47 -9.94
C VAL A 152 -1.51 8.27 -10.84
N GLU A 153 -2.29 8.47 -11.90
CA GLU A 153 -2.55 7.41 -12.87
C GLU A 153 -1.26 6.95 -13.53
N ASP A 154 -0.39 7.90 -13.86
CA ASP A 154 0.87 7.58 -14.52
C ASP A 154 1.80 6.73 -13.65
N ALA A 155 1.57 6.75 -12.34
CA ALA A 155 2.41 5.97 -11.43
C ALA A 155 2.10 4.48 -11.52
N PHE A 156 0.82 4.14 -11.47
CA PHE A 156 0.41 2.75 -11.50
C PHE A 156 0.07 2.30 -12.92
N TYR A 157 0.62 3.02 -13.90
CA TYR A 157 0.47 2.67 -15.30
C TYR A 157 1.84 2.44 -15.93
N THR A 158 2.71 3.43 -15.79
CA THR A 158 4.08 3.33 -16.31
C THR A 158 4.84 2.20 -15.65
N LEU A 159 4.53 1.93 -14.39
CA LEU A 159 5.14 0.82 -13.66
C LEU A 159 4.77 -0.52 -14.30
N VAL A 160 3.51 -0.66 -14.68
CA VAL A 160 3.04 -1.86 -15.35
C VAL A 160 3.76 -2.04 -16.68
N ARG A 161 4.05 -0.91 -17.34
CA ARG A 161 4.79 -0.94 -18.61
C ARG A 161 6.18 -1.52 -18.42
N GLU A 162 6.74 -1.34 -17.23
CA GLU A 162 8.06 -1.88 -16.92
C GLU A 162 8.00 -3.39 -16.72
N ILE A 163 6.84 -3.86 -16.24
CA ILE A 163 6.61 -5.28 -16.09
C ILE A 163 6.35 -5.89 -17.46
N ARG A 164 5.83 -5.07 -18.37
CA ARG A 164 5.54 -5.50 -19.74
C ARG A 164 6.77 -5.36 -20.64
N GLN A 165 7.94 -5.26 -20.03
CA GLN A 165 9.19 -5.23 -20.78
C GLN A 165 9.97 -6.53 -20.52
N HIS A 166 9.85 -7.04 -19.30
CA HIS A 166 10.50 -8.30 -18.93
C HIS A 166 9.52 -9.47 -18.94
N SER B 1 1.09 -2.83 19.12
CA SER B 1 0.41 -3.92 18.42
C SER B 1 -0.10 -4.97 19.43
N ASN B 2 -1.32 -4.86 19.94
CA ASN B 2 -2.34 -3.82 19.63
C ASN B 2 -2.79 -3.71 18.17
N THR B 3 -2.80 -4.85 17.47
CA THR B 3 -3.27 -4.88 16.09
C THR B 3 -4.24 -6.03 15.85
N ILE B 4 -5.12 -5.86 14.86
CA ILE B 4 -6.06 -6.90 14.46
C ILE B 4 -6.00 -7.10 12.96
N ARG B 5 -5.46 -8.25 12.53
CA ARG B 5 -5.32 -8.54 11.11
CA ARG B 5 -5.32 -8.54 11.11
C ARG B 5 -6.66 -8.91 10.49
N VAL B 6 -7.26 -7.96 9.79
CA VAL B 6 -8.56 -8.16 9.17
C VAL B 6 -8.44 -8.43 7.67
N PHE B 7 -8.99 -9.55 7.23
CA PHE B 7 -8.99 -9.88 5.81
C PHE B 7 -10.29 -9.39 5.15
N LEU B 8 -10.15 -8.63 4.08
CA LEU B 8 -11.30 -8.10 3.36
C LEU B 8 -11.58 -8.94 2.12
N PRO B 9 -12.81 -8.88 1.59
CA PRO B 9 -13.17 -9.63 0.38
C PRO B 9 -12.32 -9.26 -0.84
N ASN B 10 -12.55 -9.98 -1.94
CA ASN B 10 -11.77 -9.81 -3.17
C ASN B 10 -10.28 -10.11 -2.97
N LYS B 11 -10.00 -11.04 -2.06
CA LYS B 11 -8.62 -11.47 -1.77
C LYS B 11 -7.73 -10.31 -1.35
N GLN B 12 -8.20 -9.53 -0.38
CA GLN B 12 -7.46 -8.39 0.13
C GLN B 12 -7.31 -8.48 1.65
N ARG B 13 -6.47 -7.62 2.22
CA ARG B 13 -6.23 -7.65 3.66
C ARG B 13 -5.89 -6.27 4.21
N THR B 14 -5.99 -6.13 5.52
CA THR B 14 -5.65 -4.88 6.20
C THR B 14 -5.46 -5.11 7.69
N VAL B 15 -4.37 -4.56 8.24
CA VAL B 15 -4.13 -4.63 9.67
C VAL B 15 -4.32 -3.25 10.30
N VAL B 16 -5.14 -3.17 11.34
CA VAL B 16 -5.46 -1.90 11.97
C VAL B 16 -4.99 -1.83 13.41
N ASN B 17 -4.74 -0.62 13.89
CA ASN B 17 -4.43 -0.39 15.30
C ASN B 17 -5.65 0.12 16.04
N VAL B 18 -5.96 -0.48 17.17
CA VAL B 18 -7.18 -0.14 17.91
C VAL B 18 -6.89 0.50 19.27
N ARG B 19 -7.47 1.66 19.51
CA ARG B 19 -7.37 2.31 20.81
C ARG B 19 -8.59 1.97 21.66
N ASN B 20 -8.45 2.06 22.98
CA ASN B 20 -9.55 1.72 23.88
C ASN B 20 -10.72 2.70 23.75
N GLY B 21 -11.93 2.17 23.79
CA GLY B 21 -13.12 2.99 23.64
C GLY B 21 -13.72 2.90 22.25
N MET B 22 -12.91 2.42 21.30
CA MET B 22 -13.36 2.29 19.92
C MET B 22 -13.97 0.93 19.65
N SER B 23 -15.15 0.92 19.02
CA SER B 23 -15.84 -0.32 18.72
C SER B 23 -15.23 -1.03 17.52
N LEU B 24 -16.09 -1.56 16.64
CA LEU B 24 -15.64 -2.24 15.43
C LEU B 24 -16.32 -1.68 14.20
N HIS B 25 -17.00 -0.54 14.37
CA HIS B 25 -17.71 0.09 13.27
C HIS B 25 -17.17 1.50 13.03
N ASP B 26 -16.46 2.03 14.02
CA ASP B 26 -15.89 3.37 13.92
C ASP B 26 -14.44 3.34 13.47
N CYS B 27 -13.68 2.38 13.99
CA CYS B 27 -12.27 2.24 13.65
C CYS B 27 -12.06 1.36 12.43
N LEU B 28 -13.14 1.05 11.74
CA LEU B 28 -13.08 0.21 10.55
C LEU B 28 -13.68 0.93 9.33
N MET B 29 -13.90 2.23 9.48
CA MET B 29 -14.47 3.03 8.39
C MET B 29 -13.44 3.31 7.30
N LYS B 30 -12.47 4.16 7.63
CA LYS B 30 -11.43 4.55 6.67
C LYS B 30 -10.60 3.37 6.18
N ALA B 31 -10.61 2.27 6.93
CA ALA B 31 -9.88 1.08 6.55
C ALA B 31 -10.75 0.15 5.71
N LEU B 32 -11.91 0.65 5.27
CA LEU B 32 -12.82 -0.13 4.45
C LEU B 32 -13.57 0.73 3.44
N LYS B 33 -13.78 1.99 3.78
CA LYS B 33 -14.50 2.91 2.90
C LYS B 33 -13.66 3.29 1.69
N VAL B 34 -12.35 3.03 1.78
CA VAL B 34 -11.43 3.37 0.71
C VAL B 34 -11.33 2.24 -0.33
N ARG B 35 -12.30 1.33 -0.30
CA ARG B 35 -12.30 0.21 -1.23
C ARG B 35 -13.67 0.04 -1.90
N GLY B 36 -14.62 0.89 -1.53
CA GLY B 36 -15.94 0.88 -2.13
C GLY B 36 -16.95 0.04 -1.37
N LEU B 37 -16.47 -0.96 -0.66
CA LEU B 37 -17.34 -1.85 0.10
C LEU B 37 -18.01 -1.15 1.28
N GLN B 38 -19.34 -1.27 1.35
CA GLN B 38 -20.10 -0.67 2.43
C GLN B 38 -20.27 -1.64 3.59
N PRO B 39 -19.96 -1.18 4.82
CA PRO B 39 -20.01 -1.99 6.04
C PRO B 39 -21.39 -2.57 6.32
N GLU B 40 -22.42 -1.88 5.84
CA GLU B 40 -23.80 -2.32 6.07
C GLU B 40 -24.09 -3.66 5.39
N CYS B 41 -23.58 -3.82 4.17
CA CYS B 41 -23.82 -5.03 3.41
C CYS B 41 -22.61 -5.98 3.45
N CYS B 42 -21.83 -5.88 4.51
CA CYS B 42 -20.68 -6.76 4.70
C CYS B 42 -20.70 -7.40 6.08
N ALA B 43 -20.37 -8.69 6.14
CA ALA B 43 -20.41 -9.43 7.40
C ALA B 43 -19.14 -9.21 8.22
N VAL B 44 -18.97 -10.06 9.24
CA VAL B 44 -17.80 -9.99 10.11
C VAL B 44 -17.57 -11.34 10.79
N PHE B 45 -16.34 -11.83 10.72
CA PHE B 45 -16.00 -13.11 11.35
C PHE B 45 -14.72 -12.99 12.18
N ARG B 46 -14.57 -13.91 13.11
CA ARG B 46 -13.33 -14.01 13.89
C ARG B 46 -12.75 -15.40 13.74
N LEU B 47 -11.74 -15.52 12.89
CA LEU B 47 -11.13 -16.81 12.58
C LEU B 47 -10.62 -17.53 13.83
N LEU B 48 -11.26 -18.64 14.16
CA LEU B 48 -10.86 -19.43 15.32
C LEU B 48 -9.54 -20.13 15.03
N HIS B 49 -8.59 -19.97 15.94
CA HIS B 49 -7.27 -20.57 15.79
C HIS B 49 -7.11 -21.85 16.60
N GLU B 50 -8.10 -22.72 16.52
CA GLU B 50 -8.06 -24.02 17.17
C GLU B 50 -8.55 -25.08 16.19
N HIS B 51 -9.31 -24.62 15.18
CA HIS B 51 -9.81 -25.50 14.13
C HIS B 51 -9.25 -25.11 12.76
N LYS B 52 -9.01 -23.81 12.59
CA LYS B 52 -8.50 -23.25 11.34
C LYS B 52 -9.39 -23.57 10.14
N GLY B 53 -10.43 -22.77 9.94
CA GLY B 53 -11.36 -22.96 8.85
C GLY B 53 -12.80 -22.69 9.25
N LYS B 54 -13.05 -22.74 10.55
CA LYS B 54 -14.40 -22.51 11.07
C LYS B 54 -14.41 -21.23 11.89
N LYS B 55 -14.89 -20.14 11.30
CA LYS B 55 -14.96 -18.85 11.97
C LYS B 55 -16.32 -18.63 12.63
N ALA B 56 -16.38 -17.65 13.53
CA ALA B 56 -17.64 -17.31 14.18
C ALA B 56 -18.04 -15.87 13.87
N ARG B 57 -19.31 -15.66 13.57
CA ARG B 57 -19.81 -14.33 13.27
C ARG B 57 -19.96 -13.51 14.55
N LEU B 58 -19.93 -12.19 14.42
CA LEU B 58 -20.05 -11.31 15.58
C LEU B 58 -21.04 -10.17 15.31
N ASP B 59 -20.97 -9.14 16.14
CA ASP B 59 -21.79 -7.95 15.96
C ASP B 59 -20.90 -6.73 15.77
N TRP B 60 -21.30 -5.85 14.85
CA TRP B 60 -20.49 -4.66 14.53
C TRP B 60 -20.37 -3.70 15.72
N ASN B 61 -21.30 -3.80 16.66
CA ASN B 61 -21.26 -2.97 17.86
C ASN B 61 -20.47 -3.65 18.97
N THR B 62 -19.36 -4.26 18.60
CA THR B 62 -18.49 -4.93 19.58
C THR B 62 -17.21 -4.14 19.76
N ASP B 63 -16.81 -3.95 21.02
CA ASP B 63 -15.56 -3.27 21.32
C ASP B 63 -14.38 -4.11 20.84
N ALA B 64 -13.74 -3.66 19.75
CA ALA B 64 -12.64 -4.40 19.16
C ALA B 64 -11.34 -4.18 19.94
N ALA B 65 -11.43 -3.39 21.00
CA ALA B 65 -10.27 -3.13 21.85
C ALA B 65 -9.86 -4.37 22.63
N SER B 66 -10.78 -5.33 22.74
CA SER B 66 -10.52 -6.55 23.48
C SER B 66 -9.91 -7.65 22.62
N LEU B 67 -10.08 -7.52 21.30
CA LEU B 67 -9.58 -8.53 20.37
C LEU B 67 -8.14 -8.27 19.93
N ILE B 68 -7.34 -7.71 20.82
CA ILE B 68 -5.94 -7.43 20.53
C ILE B 68 -5.14 -8.71 20.35
N GLY B 69 -4.40 -8.80 19.25
CA GLY B 69 -3.58 -9.95 18.96
C GLY B 69 -4.36 -11.09 18.33
N GLU B 70 -5.47 -10.75 17.70
CA GLU B 70 -6.31 -11.74 17.03
C GLU B 70 -6.23 -11.62 15.52
N GLU B 71 -7.26 -12.11 14.83
CA GLU B 71 -7.28 -12.14 13.38
C GLU B 71 -8.71 -12.32 12.87
N LEU B 72 -9.24 -11.30 12.23
CA LEU B 72 -10.63 -11.32 11.78
C LEU B 72 -10.79 -11.73 10.32
N GLN B 73 -12.01 -11.64 9.81
CA GLN B 73 -12.33 -11.96 8.43
C GLN B 73 -13.66 -11.34 8.03
N VAL B 74 -13.66 -10.51 6.99
CA VAL B 74 -14.88 -9.84 6.55
C VAL B 74 -15.40 -10.46 5.26
N ASP B 75 -16.71 -10.78 5.25
CA ASP B 75 -17.33 -11.36 4.08
C ASP B 75 -18.51 -10.51 3.60
N PHE B 76 -18.83 -10.62 2.31
CA PHE B 76 -19.97 -9.93 1.75
C PHE B 76 -21.21 -10.84 1.80
N LEU B 77 -22.34 -10.26 2.19
CA LEU B 77 -23.58 -11.01 2.32
C LEU B 77 -24.14 -11.39 0.96
PG GNP C . 3.44 5.50 6.36
O1G GNP C . 3.96 5.52 7.77
O2G GNP C . 2.25 4.61 6.12
O3G GNP C . 4.64 5.21 5.49
N3B GNP C . 2.96 6.96 5.97
PB GNP C . 2.52 7.31 4.50
O1B GNP C . 3.70 7.24 3.60
O2B GNP C . 1.37 6.43 4.19
O3A GNP C . 2.03 8.75 4.47
PA GNP C . 0.54 9.09 4.35
O1A GNP C . 0.13 8.78 2.97
O2A GNP C . -0.20 8.44 5.45
O5' GNP C . 0.37 10.64 4.54
C5' GNP C . 1.18 11.34 5.46
C4' GNP C . 1.03 12.84 5.29
O4' GNP C . 1.38 13.20 3.93
C3' GNP C . -0.39 13.36 5.53
O3' GNP C . -0.34 14.49 6.39
C2' GNP C . -0.88 13.72 4.13
O2' GNP C . -1.78 14.82 4.13
C1' GNP C . 0.42 14.12 3.44
N9 GNP C . 0.35 14.03 1.98
C8 GNP C . 0.24 12.89 1.23
N7 GNP C . 0.21 13.12 -0.06
C5 GNP C . 0.32 14.50 -0.16
C6 GNP C . 0.33 15.32 -1.30
O6 GNP C . 0.27 14.99 -2.49
N1 GNP C . 0.46 16.67 -0.97
C2 GNP C . 0.54 17.15 0.32
N2 GNP C . 0.65 18.48 0.44
N3 GNP C . 0.52 16.38 1.40
C4 GNP C . 0.41 15.07 1.09
MG MG D . 0.98 4.10 4.72
#